data_6BRJ
#
_entry.id   6BRJ
#
_cell.length_a   61.500
_cell.length_b   75.400
_cell.length_c   77.237
_cell.angle_alpha   90.00
_cell.angle_beta   90.00
_cell.angle_gamma   90.00
#
_symmetry.space_group_name_H-M   'P 21 21 21'
#
loop_
_entity.id
_entity.type
_entity.pdbx_description
1 polymer 'Epithelial discoidin domain-containing receptor 1'
2 non-polymer 'CYCLOPROPANECARBOXYLIC ACID {4-[4-(4-METHYL-PIPERAZIN-1-YL)-6-(5-METHYL-2H-PYRAZOL-3-YLAMINO)-PYRIMIDIN-2-YLSULFANYL]-PHENYL}-AMIDE'
3 water water
#
_entity_poly.entity_id   1
_entity_poly.type   'polypeptide(L)'
_entity_poly.pdbx_seq_one_letter_code
;QNSVPHYAEADIVTLQGVTGGNTYAVPALPPGAVGDGPPRVDFPRSRLRFKEKLGEGQFGEVHLCEVDSPQDLVSLDFPL
NVRKGHPLLVAVKILRPDATKNARNDFLKEVKIMSRLKDPNIIRLLGVCVQDDPLCMITDYMENGDLNQFLSAHQLEDKA
AEGAPGDGQAAQGPTISYPMLLHVAAQIASGMRYLATLNFVHRDLATRNCLVGENFTIKIADFGMSRNLYAGDYYRVQGR
AVLPIRWMAWECILMGKFTTASDVWAFGVTLWEVLMLCRAQPFGQLTDEQVIENAGEFFRDQGRQVYLSRPPACPQGLYE
LMLRCWSRESEQRPPFSQLHRFLAEDALNTV
;
_entity_poly.pdbx_strand_id   A
#
loop_
_chem_comp.id
_chem_comp.type
_chem_comp.name
_chem_comp.formula
VX6 non-polymer 'CYCLOPROPANECARBOXYLIC ACID {4-[4-(4-METHYL-PIPERAZIN-1-YL)-6-(5-METHYL-2H-PYRAZOL-3-YLAMINO)-PYRIMIDIN-2-YLSULFANYL]-PHENYL}-AMIDE' 'C23 H28 N8 O S'
#
# COMPACT_ATOMS: atom_id res chain seq x y z
N PHE A 43 -27.16 3.48 2.70
CA PHE A 43 -27.46 2.06 2.89
C PHE A 43 -28.06 1.82 4.27
N PRO A 44 -29.09 0.95 4.35
CA PRO A 44 -29.71 0.62 5.64
C PRO A 44 -28.81 -0.27 6.50
N ARG A 45 -28.37 0.26 7.62
CA ARG A 45 -27.49 -0.47 8.54
C ARG A 45 -28.13 -1.76 9.02
N SER A 46 -29.46 -1.76 9.12
CA SER A 46 -30.21 -2.94 9.55
C SER A 46 -30.08 -4.10 8.57
N ARG A 47 -29.74 -3.79 7.32
CA ARG A 47 -29.59 -4.82 6.28
C ARG A 47 -28.28 -5.61 6.46
N LEU A 48 -27.43 -5.12 7.35
CA LEU A 48 -26.12 -5.72 7.58
C LEU A 48 -26.15 -6.74 8.71
N ARG A 49 -25.57 -7.90 8.46
CA ARG A 49 -25.41 -8.92 9.50
C ARG A 49 -23.93 -9.17 9.77
N PHE A 50 -23.49 -8.81 10.97
CA PHE A 50 -22.09 -8.91 11.34
C PHE A 50 -21.68 -10.34 11.69
N LYS A 51 -20.54 -10.74 11.21
CA LYS A 51 -20.12 -12.08 11.43
C LYS A 51 -18.83 -12.17 12.12
N GLU A 52 -17.89 -11.35 11.73
CA GLU A 52 -16.56 -11.47 12.28
C GLU A 52 -15.89 -10.14 12.28
N LYS A 53 -15.02 -9.94 13.24
CA LYS A 53 -14.23 -8.75 13.27
C LYS A 53 -12.89 -9.08 12.64
N LEU A 54 -12.60 -8.54 11.47
CA LEU A 54 -11.33 -8.73 10.81
C LEU A 54 -10.12 -8.01 11.38
N GLY A 55 -10.28 -6.76 11.69
CA GLY A 55 -9.16 -5.93 12.08
C GLY A 55 -9.57 -4.66 12.75
N GLU A 56 -8.63 -3.99 13.35
CA GLU A 56 -8.96 -2.73 14.03
C GLU A 56 -7.76 -1.80 14.14
N GLY A 57 -8.04 -0.51 14.29
CA GLY A 57 -7.01 0.49 14.48
C GLY A 57 -7.30 1.30 15.73
N GLN A 58 -6.71 2.48 15.82
CA GLN A 58 -6.89 3.34 16.97
C GLN A 58 -8.34 3.85 17.07
N PHE A 59 -8.96 4.13 15.93
CA PHE A 59 -10.31 4.70 15.92
C PHE A 59 -11.31 3.87 15.13
N GLY A 60 -10.82 2.91 14.35
CA GLY A 60 -11.70 2.16 13.47
C GLY A 60 -11.62 0.65 13.59
N GLU A 61 -12.66 -0.02 13.11
CA GLU A 61 -12.73 -1.47 13.09
C GLU A 61 -13.28 -1.96 11.77
N VAL A 62 -12.68 -2.99 11.21
CA VAL A 62 -13.21 -3.58 10.02
C VAL A 62 -13.87 -4.92 10.31
N HIS A 63 -15.09 -5.12 9.84
CA HIS A 63 -15.85 -6.33 10.09
C HIS A 63 -16.29 -7.00 8.80
N LEU A 64 -16.37 -8.33 8.84
CA LEU A 64 -16.99 -9.09 7.76
C LEU A 64 -18.50 -9.10 7.99
N CYS A 65 -19.26 -8.73 6.97
CA CYS A 65 -20.71 -8.64 7.11
C CYS A 65 -21.46 -9.35 5.99
N GLU A 66 -22.64 -9.86 6.31
CA GLU A 66 -23.51 -10.47 5.31
C GLU A 66 -24.66 -9.53 4.96
N VAL A 67 -24.94 -9.42 3.68
CA VAL A 67 -26.07 -8.63 3.23
C VAL A 67 -27.11 -9.54 2.66
N LEU A 88 -23.81 -12.90 0.13
CA LEU A 88 -23.04 -11.72 -0.23
C LEU A 88 -22.25 -11.13 0.93
N LEU A 89 -20.95 -11.26 0.86
CA LEU A 89 -20.10 -10.74 1.87
C LEU A 89 -19.55 -9.37 1.48
N VAL A 90 -19.58 -8.44 2.41
CA VAL A 90 -18.90 -7.19 2.31
C VAL A 90 -17.99 -6.94 3.50
N ALA A 91 -17.07 -6.02 3.34
CA ALA A 91 -16.23 -5.55 4.42
C ALA A 91 -16.73 -4.22 4.90
N VAL A 92 -16.88 -4.08 6.17
CA VAL A 92 -17.46 -2.86 6.72
C VAL A 92 -16.56 -2.21 7.76
N LYS A 93 -16.08 -1.00 7.45
CA LYS A 93 -15.32 -0.24 8.44
C LYS A 93 -16.26 0.62 9.26
N ILE A 94 -16.23 0.42 10.57
CA ILE A 94 -17.03 1.23 11.49
C ILE A 94 -16.12 1.91 12.50
N LEU A 95 -16.58 3.02 13.05
CA LEU A 95 -15.83 3.71 14.10
C LEU A 95 -16.04 3.06 15.46
N ARG A 96 -15.03 3.18 16.31
CA ARG A 96 -15.12 2.72 17.69
C ARG A 96 -16.12 3.56 18.47
N PRO A 97 -16.70 2.99 19.54
CA PRO A 97 -17.63 3.73 20.38
C PRO A 97 -16.99 4.90 21.12
N ASP A 98 -15.66 4.89 21.23
CA ASP A 98 -14.96 6.00 21.88
C ASP A 98 -14.21 6.87 20.88
N ALA A 99 -14.66 6.85 19.63
CA ALA A 99 -14.06 7.66 18.59
C ALA A 99 -14.33 9.14 18.82
N THR A 100 -13.30 9.96 18.71
CA THR A 100 -13.44 11.40 18.86
C THR A 100 -14.16 12.02 17.67
N LYS A 101 -14.70 13.22 17.85
CA LYS A 101 -15.35 13.93 16.75
C LYS A 101 -14.32 14.27 15.67
N ASN A 102 -13.07 14.38 16.08
CA ASN A 102 -11.95 14.51 15.16
C ASN A 102 -11.85 13.28 14.25
N ALA A 103 -12.03 12.10 14.84
CA ALA A 103 -11.97 10.84 14.08
C ALA A 103 -13.18 10.68 13.18
N ARG A 104 -14.34 11.16 13.65
CA ARG A 104 -15.56 11.14 12.86
C ARG A 104 -15.40 11.99 11.61
N ASN A 105 -14.83 13.18 11.78
CA ASN A 105 -14.60 14.08 10.67
C ASN A 105 -13.62 13.50 9.67
N ASP A 106 -12.59 12.82 10.17
CA ASP A 106 -11.62 12.16 9.31
C ASP A 106 -12.29 11.02 8.53
N PHE A 107 -13.24 10.34 9.17
CA PHE A 107 -13.96 9.23 8.54
C PHE A 107 -14.79 9.75 7.37
N LEU A 108 -15.46 10.85 7.57
CA LEU A 108 -16.25 11.49 6.55
C LEU A 108 -15.44 11.94 5.34
N LYS A 109 -14.31 12.55 5.58
CA LYS A 109 -13.38 12.93 4.56
C LYS A 109 -12.90 11.74 3.80
N GLU A 110 -12.57 10.69 4.52
CA GLU A 110 -12.11 9.43 3.94
C GLU A 110 -13.14 8.86 2.96
N VAL A 111 -14.40 8.91 3.36
CA VAL A 111 -15.50 8.43 2.53
C VAL A 111 -15.67 9.26 1.25
N LYS A 112 -15.53 10.57 1.38
CA LYS A 112 -15.69 11.46 0.24
C LYS A 112 -14.58 11.21 -0.78
N ILE A 113 -13.38 10.94 -0.30
CA ILE A 113 -12.25 10.60 -1.18
C ILE A 113 -12.51 9.30 -1.93
N MET A 114 -12.94 8.27 -1.20
CA MET A 114 -13.18 6.95 -1.80
C MET A 114 -14.25 6.95 -2.87
N SER A 115 -15.23 7.86 -2.74
CA SER A 115 -16.34 7.94 -3.68
C SER A 115 -15.85 8.26 -5.10
N ARG A 116 -14.69 8.89 -5.18
CA ARG A 116 -14.15 9.33 -6.46
C ARG A 116 -13.39 8.21 -7.17
N LEU A 117 -12.79 7.32 -6.40
CA LEU A 117 -11.86 6.34 -6.94
C LEU A 117 -12.54 5.05 -7.39
N LYS A 118 -12.70 4.90 -8.71
CA LYS A 118 -13.35 3.73 -9.29
C LYS A 118 -12.45 3.04 -10.30
N ASP A 119 -11.88 1.92 -9.90
CA ASP A 119 -10.93 1.20 -10.75
C ASP A 119 -10.87 -0.26 -10.31
N PRO A 120 -10.70 -1.18 -11.27
CA PRO A 120 -10.59 -2.62 -10.97
C PRO A 120 -9.54 -2.97 -9.91
N ASN A 121 -8.51 -2.16 -9.80
CA ASN A 121 -7.45 -2.40 -8.85
C ASN A 121 -7.42 -1.43 -7.67
N ILE A 122 -8.51 -0.76 -7.44
CA ILE A 122 -8.68 0.07 -6.29
C ILE A 122 -9.90 -0.44 -5.58
N ILE A 123 -9.83 -0.56 -4.28
CA ILE A 123 -10.96 -0.95 -3.49
C ILE A 123 -12.12 0.01 -3.75
N ARG A 124 -13.30 -0.51 -3.83
CA ARG A 124 -14.43 0.34 -4.12
C ARG A 124 -15.37 0.58 -2.97
N LEU A 125 -15.96 1.75 -2.98
CA LEU A 125 -16.92 2.13 -2.02
C LEU A 125 -18.28 1.66 -2.48
N LEU A 126 -18.78 0.66 -1.80
CA LEU A 126 -20.02 0.06 -2.17
C LEU A 126 -21.22 0.78 -1.57
N GLY A 127 -21.05 1.42 -0.44
CA GLY A 127 -22.11 2.13 0.23
C GLY A 127 -21.66 2.69 1.57
N VAL A 128 -22.48 3.55 2.16
CA VAL A 128 -22.15 4.16 3.45
C VAL A 128 -23.35 4.15 4.40
N CYS A 129 -23.09 4.18 5.68
CA CYS A 129 -24.08 4.44 6.71
C CYS A 129 -23.56 5.53 7.60
N VAL A 130 -23.92 6.76 7.28
CA VAL A 130 -23.42 7.91 8.03
C VAL A 130 -24.54 8.66 8.75
N GLN A 131 -25.77 8.17 8.60
CA GLN A 131 -26.93 8.82 9.21
C GLN A 131 -26.89 8.77 10.73
N ASP A 132 -26.24 7.75 11.28
CA ASP A 132 -26.18 7.59 12.73
C ASP A 132 -24.82 7.07 13.19
N ASP A 133 -24.52 7.29 14.48
CA ASP A 133 -23.29 6.79 15.08
C ASP A 133 -23.43 5.30 15.41
N PRO A 134 -22.39 4.51 15.14
CA PRO A 134 -21.15 4.96 14.51
C PRO A 134 -21.21 4.86 12.99
N LEU A 135 -20.46 5.73 12.31
CA LEU A 135 -20.46 5.77 10.86
C LEU A 135 -19.96 4.45 10.28
N CYS A 136 -20.52 4.05 9.15
CA CYS A 136 -20.12 2.81 8.49
C CYS A 136 -19.71 3.06 7.05
N MET A 137 -18.68 2.34 6.63
CA MET A 137 -18.22 2.36 5.25
C MET A 137 -18.22 0.93 4.71
N ILE A 138 -18.82 0.72 3.57
CA ILE A 138 -18.94 -0.60 3.02
C ILE A 138 -18.09 -0.78 1.78
N THR A 139 -17.25 -1.80 1.77
CA THR A 139 -16.27 -2.05 0.74
C THR A 139 -16.19 -3.49 0.35
N ASP A 140 -15.40 -3.76 -0.68
CA ASP A 140 -15.23 -5.12 -1.14
C ASP A 140 -14.64 -5.95 -0.04
N TYR A 141 -15.20 -7.13 0.14
CA TYR A 141 -14.60 -8.11 0.98
C TYR A 141 -13.58 -8.89 0.16
N MET A 142 -12.36 -8.90 0.65
CA MET A 142 -11.28 -9.61 0.00
C MET A 142 -10.85 -10.81 0.82
N GLU A 143 -11.05 -11.96 0.24
CA GLU A 143 -10.97 -13.26 0.89
C GLU A 143 -9.67 -13.55 1.58
N ASN A 144 -8.59 -13.08 1.00
CA ASN A 144 -7.29 -13.38 1.47
C ASN A 144 -6.61 -12.30 2.28
N GLY A 145 -7.37 -11.31 2.74
CA GLY A 145 -6.83 -10.27 3.56
C GLY A 145 -5.79 -9.40 2.89
N ASP A 146 -4.83 -8.94 3.64
CA ASP A 146 -3.85 -8.04 3.09
C ASP A 146 -2.70 -8.73 2.37
N LEU A 147 -2.12 -8.03 1.42
CA LEU A 147 -1.05 -8.55 0.62
C LEU A 147 0.15 -9.01 1.42
N ASN A 148 0.56 -8.25 2.41
CA ASN A 148 1.65 -8.63 3.28
C ASN A 148 1.46 -10.00 3.96
N GLN A 149 0.32 -10.19 4.61
CA GLN A 149 0.03 -11.44 5.30
C GLN A 149 -0.14 -12.60 4.32
N PHE A 150 -0.64 -12.30 3.13
CA PHE A 150 -0.85 -13.32 2.10
C PHE A 150 0.48 -13.86 1.58
N LEU A 151 1.38 -12.96 1.19
CA LEU A 151 2.68 -13.37 0.66
C LEU A 151 3.56 -14.01 1.72
N SER A 152 3.39 -13.59 2.98
CA SER A 152 4.16 -14.15 4.08
C SER A 152 3.83 -15.62 4.31
N ALA A 153 2.62 -16.01 3.94
CA ALA A 153 2.18 -17.40 4.12
C ALA A 153 2.57 -18.27 2.93
N HIS A 154 3.23 -17.66 1.95
CA HIS A 154 3.63 -18.39 0.74
C HIS A 154 5.14 -18.49 0.60
N GLN A 155 5.58 -19.55 -0.07
CA GLN A 155 6.99 -19.71 -0.42
C GLN A 155 7.13 -19.69 -1.95
N LEU A 156 8.29 -19.27 -2.43
CA LEU A 156 8.53 -19.26 -3.87
C LEU A 156 8.55 -20.70 -4.41
N GLU A 157 7.95 -20.90 -5.57
CA GLU A 157 7.86 -22.23 -6.18
C GLU A 157 9.24 -22.79 -6.51
N ASP A 158 9.47 -24.05 -6.13
CA ASP A 158 10.72 -24.73 -6.40
C ASP A 158 10.65 -25.49 -7.72
N PRO A 174 1.84 -24.22 0.36
CA PRO A 174 1.38 -22.97 -0.24
C PRO A 174 2.50 -22.23 -0.97
N THR A 175 2.59 -22.42 -2.27
CA THR A 175 3.65 -21.81 -3.06
C THR A 175 3.12 -20.73 -4.01
N ILE A 176 4.02 -19.86 -4.46
CA ILE A 176 3.68 -18.87 -5.45
C ILE A 176 4.82 -18.78 -6.46
N SER A 177 4.48 -18.70 -7.74
CA SER A 177 5.49 -18.69 -8.78
C SER A 177 5.97 -17.28 -9.08
N TYR A 178 7.13 -17.17 -9.71
CA TYR A 178 7.65 -15.88 -10.15
C TYR A 178 6.73 -15.15 -11.12
N PRO A 179 6.15 -15.85 -12.12
CA PRO A 179 5.20 -15.15 -12.99
C PRO A 179 4.01 -14.56 -12.24
N MET A 180 3.58 -15.21 -11.16
CA MET A 180 2.45 -14.71 -10.38
C MET A 180 2.84 -13.44 -9.64
N LEU A 181 4.07 -13.39 -9.13
CA LEU A 181 4.57 -12.21 -8.43
C LEU A 181 4.56 -11.00 -9.37
N LEU A 182 4.92 -11.23 -10.62
CA LEU A 182 4.85 -10.19 -11.64
C LEU A 182 3.42 -9.73 -11.84
N HIS A 183 2.50 -10.69 -11.88
CA HIS A 183 1.09 -10.41 -12.10
C HIS A 183 0.50 -9.59 -10.95
N VAL A 184 0.92 -9.90 -9.73
CA VAL A 184 0.50 -9.17 -8.55
C VAL A 184 0.99 -7.72 -8.60
N ALA A 185 2.26 -7.54 -8.91
CA ALA A 185 2.85 -6.21 -9.00
C ALA A 185 2.23 -5.38 -10.12
N ALA A 186 1.91 -6.06 -11.22
CA ALA A 186 1.32 -5.40 -12.39
C ALA A 186 -0.05 -4.80 -12.06
N GLN A 187 -0.82 -5.51 -11.25
CA GLN A 187 -2.13 -5.04 -10.83
C GLN A 187 -2.01 -3.81 -9.94
N ILE A 188 -1.03 -3.83 -9.04
CA ILE A 188 -0.76 -2.68 -8.20
C ILE A 188 -0.35 -1.49 -9.06
N ALA A 189 0.53 -1.74 -10.02
CA ALA A 189 0.98 -0.71 -10.96
C ALA A 189 -0.19 -0.15 -11.75
N SER A 190 -1.14 -1.00 -12.12
CA SER A 190 -2.30 -0.57 -12.89
C SER A 190 -3.20 0.33 -12.03
N GLY A 191 -3.32 -0.02 -10.75
CA GLY A 191 -4.10 0.78 -9.82
C GLY A 191 -3.49 2.14 -9.61
N MET A 192 -2.16 2.18 -9.52
CA MET A 192 -1.45 3.43 -9.34
C MET A 192 -1.48 4.26 -10.62
N ARG A 193 -1.51 3.59 -11.76
CA ARG A 193 -1.63 4.27 -13.05
C ARG A 193 -2.93 5.05 -13.11
N TYR A 194 -4.00 4.43 -12.62
CA TYR A 194 -5.30 5.08 -12.54
C TYR A 194 -5.26 6.30 -11.64
N LEU A 195 -4.66 6.16 -10.47
CA LEU A 195 -4.57 7.26 -9.52
C LEU A 195 -3.74 8.42 -10.09
N ALA A 196 -2.74 8.09 -10.89
CA ALA A 196 -1.89 9.09 -11.51
C ALA A 196 -2.66 9.98 -12.49
N THR A 197 -3.59 9.38 -13.23
CA THR A 197 -4.37 10.13 -14.21
C THR A 197 -5.29 11.14 -13.54
N LEU A 198 -5.55 10.93 -12.26
CA LEU A 198 -6.37 11.82 -11.46
C LEU A 198 -5.51 12.82 -10.69
N ASN A 199 -4.19 12.70 -10.84
CA ASN A 199 -3.24 13.47 -10.05
C ASN A 199 -3.45 13.23 -8.55
N PHE A 200 -3.86 12.02 -8.21
CA PHE A 200 -4.07 11.65 -6.83
C PHE A 200 -2.83 10.97 -6.25
N VAL A 201 -2.32 11.51 -5.15
CA VAL A 201 -1.15 10.95 -4.50
C VAL A 201 -1.58 10.07 -3.32
N HIS A 202 -1.21 8.80 -3.35
CA HIS A 202 -1.62 7.85 -2.31
C HIS A 202 -0.95 8.13 -0.96
N ARG A 203 0.36 8.35 -1.01
CA ARG A 203 1.20 8.73 0.14
C ARG A 203 1.54 7.59 1.10
N ASP A 204 0.91 6.42 0.94
CA ASP A 204 1.23 5.30 1.82
C ASP A 204 1.14 3.95 1.10
N LEU A 205 1.77 3.84 -0.06
CA LEU A 205 1.75 2.60 -0.82
C LEU A 205 2.70 1.58 -0.21
N ALA A 206 2.17 0.38 0.05
CA ALA A 206 2.91 -0.73 0.61
C ALA A 206 2.05 -1.97 0.55
N THR A 207 2.65 -3.15 0.73
CA THR A 207 1.90 -4.39 0.65
C THR A 207 0.87 -4.51 1.77
N ARG A 208 1.15 -3.88 2.91
CA ARG A 208 0.21 -3.87 4.02
C ARG A 208 -1.07 -3.12 3.68
N ASN A 209 -1.01 -2.23 2.69
CA ASN A 209 -2.19 -1.46 2.29
C ASN A 209 -2.79 -1.96 0.97
N CYS A 210 -2.41 -3.18 0.59
CA CYS A 210 -3.03 -3.84 -0.55
C CYS A 210 -3.85 -5.03 -0.05
N LEU A 211 -4.86 -5.42 -0.83
CA LEU A 211 -5.74 -6.51 -0.44
C LEU A 211 -5.79 -7.59 -1.52
N VAL A 212 -6.00 -8.83 -1.10
CA VAL A 212 -6.04 -9.96 -2.02
C VAL A 212 -7.40 -10.63 -2.01
N GLY A 213 -8.06 -10.68 -3.18
CA GLY A 213 -9.33 -11.35 -3.31
C GLY A 213 -9.16 -12.74 -3.88
N GLU A 214 -10.21 -13.23 -4.54
CA GLU A 214 -10.15 -14.52 -5.21
C GLU A 214 -9.37 -14.40 -6.52
N ASN A 215 -8.82 -15.52 -6.98
CA ASN A 215 -8.05 -15.58 -8.22
C ASN A 215 -6.90 -14.58 -8.26
N PHE A 216 -6.23 -14.41 -7.13
CA PHE A 216 -5.07 -13.53 -7.01
C PHE A 216 -5.36 -12.08 -7.45
N THR A 217 -6.61 -11.66 -7.26
CA THR A 217 -7.01 -10.29 -7.55
C THR A 217 -6.46 -9.33 -6.49
N ILE A 218 -5.76 -8.30 -6.93
CA ILE A 218 -5.15 -7.33 -6.01
C ILE A 218 -5.83 -5.96 -6.12
N LYS A 219 -6.19 -5.38 -4.99
CA LYS A 219 -6.73 -4.03 -4.96
C LYS A 219 -6.01 -3.18 -3.92
N ILE A 220 -5.66 -1.96 -4.31
CA ILE A 220 -5.05 -1.01 -3.39
C ILE A 220 -6.12 -0.39 -2.51
N ALA A 221 -5.88 -0.39 -1.20
CA ALA A 221 -6.80 0.28 -0.28
C ALA A 221 -6.60 1.78 -0.36
N ASP A 222 -7.69 2.52 -0.52
CA ASP A 222 -7.63 3.97 -0.58
C ASP A 222 -8.20 4.59 0.69
N PHE A 223 -8.22 3.81 1.76
CA PHE A 223 -8.54 4.33 3.08
C PHE A 223 -7.47 3.83 4.06
N GLY A 224 -7.49 4.32 5.29
CA GLY A 224 -6.46 3.96 6.25
C GLY A 224 -7.01 3.39 7.55
N MET A 225 -6.15 2.67 8.27
CA MET A 225 -6.46 2.18 9.59
C MET A 225 -5.17 1.83 10.33
N SER A 226 -5.00 2.42 11.51
CA SER A 226 -3.74 2.28 12.26
C SER A 226 -3.67 0.95 13.00
N ARG A 227 -3.48 -0.13 12.25
CA ARG A 227 -3.34 -1.45 12.82
C ARG A 227 -2.01 -1.59 13.56
N ASN A 228 -2.07 -2.16 14.75
CA ASN A 228 -0.87 -2.33 15.58
C ASN A 228 0.16 -3.26 14.96
N LEU A 229 -0.31 -4.15 14.08
CA LEU A 229 0.56 -5.12 13.43
C LEU A 229 1.69 -4.45 12.65
N TYR A 230 1.42 -3.25 12.12
CA TYR A 230 2.41 -2.56 11.30
C TYR A 230 2.91 -1.26 11.95
N ALA A 231 2.87 -1.23 13.27
CA ALA A 231 3.33 -0.06 14.02
C ALA A 231 4.81 0.26 13.75
N GLY A 232 5.60 -0.78 13.51
CA GLY A 232 7.03 -0.62 13.28
C GLY A 232 7.36 -0.04 11.92
N ASP A 233 6.35 0.04 11.05
CA ASP A 233 6.54 0.59 9.70
C ASP A 233 6.41 2.11 9.68
N TYR A 234 6.11 2.70 10.82
CA TYR A 234 5.89 4.15 10.89
C TYR A 234 6.81 4.82 11.90
N TYR A 235 7.37 5.96 11.50
CA TYR A 235 8.28 6.72 12.34
C TYR A 235 7.50 7.75 13.14
N ARG A 236 7.55 7.64 14.46
CA ARG A 236 6.75 8.49 15.34
C ARG A 236 7.58 9.46 16.17
N VAL A 237 7.28 10.74 16.02
CA VAL A 237 7.83 11.78 16.88
C VAL A 237 6.65 12.58 17.41
N GLN A 238 6.67 12.91 18.69
CA GLN A 238 5.59 13.66 19.30
C GLN A 238 5.34 14.97 18.63
N GLY A 239 4.11 15.23 18.25
CA GLY A 239 3.74 16.48 17.62
C GLY A 239 3.95 16.48 16.12
N ARG A 240 4.39 15.34 15.61
CA ARG A 240 4.63 15.15 14.20
C ARG A 240 3.67 14.16 13.58
N ALA A 241 3.65 14.20 12.28
CA ALA A 241 2.96 13.24 11.49
C ALA A 241 3.68 11.92 11.56
N VAL A 242 2.90 10.88 11.63
CA VAL A 242 3.34 9.50 11.59
C VAL A 242 3.73 9.13 10.17
N LEU A 243 4.99 8.84 9.93
CA LEU A 243 5.49 8.70 8.60
C LEU A 243 6.06 7.35 8.24
N PRO A 244 5.59 6.81 7.03
CA PRO A 244 6.24 5.55 6.66
C PRO A 244 7.60 5.68 5.96
N ILE A 245 8.60 6.10 6.71
CA ILE A 245 9.90 6.50 6.18
C ILE A 245 10.67 5.51 5.31
N ARG A 246 10.51 4.24 5.59
CA ARG A 246 11.14 3.21 4.81
C ARG A 246 10.58 3.03 3.40
N TRP A 247 9.40 3.57 3.14
CA TRP A 247 8.78 3.54 1.82
C TRP A 247 8.83 4.91 1.15
N MET A 248 9.38 5.90 1.86
CA MET A 248 9.36 7.27 1.37
C MET A 248 10.62 7.65 0.60
N ALA A 249 10.42 8.42 -0.47
CA ALA A 249 11.53 9.00 -1.24
C ALA A 249 12.34 9.94 -0.37
N TRP A 250 13.58 10.19 -0.76
CA TRP A 250 14.48 11.02 0.04
C TRP A 250 13.95 12.44 0.19
N GLU A 251 13.32 12.97 -0.85
CA GLU A 251 12.80 14.33 -0.78
C GLU A 251 11.55 14.39 0.09
N CYS A 252 10.89 13.24 0.28
CA CYS A 252 9.76 13.14 1.19
C CYS A 252 10.21 13.26 2.63
N ILE A 253 11.19 12.45 3.00
CA ILE A 253 11.74 12.43 4.34
C ILE A 253 12.30 13.79 4.74
N LEU A 254 12.93 14.46 3.79
CA LEU A 254 13.61 15.73 4.06
C LEU A 254 12.70 16.94 4.02
N MET A 255 11.63 16.88 3.22
CA MET A 255 10.81 18.07 2.96
C MET A 255 9.32 17.85 3.19
N GLY A 256 8.89 16.61 3.28
CA GLY A 256 7.47 16.30 3.34
C GLY A 256 6.84 16.60 1.99
N LYS A 257 7.60 16.40 0.95
CA LYS A 257 7.18 16.62 -0.42
C LYS A 257 6.58 15.34 -1.02
N PHE A 258 5.28 15.17 -0.96
CA PHE A 258 4.60 14.00 -1.50
C PHE A 258 3.99 14.26 -2.87
N THR A 259 4.47 13.52 -3.86
CA THR A 259 4.00 13.67 -5.24
C THR A 259 3.78 12.30 -5.86
N THR A 260 3.37 12.29 -7.13
CA THR A 260 3.26 11.05 -7.88
C THR A 260 4.64 10.40 -8.02
N ALA A 261 5.67 11.23 -8.16
CA ALA A 261 7.03 10.74 -8.28
C ALA A 261 7.46 10.01 -7.02
N SER A 262 6.97 10.45 -5.87
CA SER A 262 7.27 9.78 -4.61
C SER A 262 6.44 8.51 -4.46
N ASP A 263 5.27 8.47 -5.08
CA ASP A 263 4.47 7.25 -5.14
C ASP A 263 5.21 6.17 -5.94
N VAL A 264 5.91 6.60 -6.98
CA VAL A 264 6.71 5.69 -7.80
C VAL A 264 7.84 5.09 -6.97
N TRP A 265 8.50 5.93 -6.17
CA TRP A 265 9.53 5.48 -5.24
C TRP A 265 8.95 4.42 -4.31
N ALA A 266 7.78 4.70 -3.77
CA ALA A 266 7.11 3.78 -2.84
C ALA A 266 6.71 2.50 -3.56
N PHE A 267 6.38 2.60 -4.85
CA PHE A 267 6.04 1.42 -5.63
C PHE A 267 7.26 0.51 -5.77
N GLY A 268 8.43 1.12 -5.96
CA GLY A 268 9.67 0.38 -6.05
C GLY A 268 9.93 -0.44 -4.80
N VAL A 269 9.70 0.18 -3.64
CA VAL A 269 9.85 -0.51 -2.36
C VAL A 269 8.80 -1.61 -2.21
N THR A 270 7.59 -1.29 -2.67
CA THR A 270 6.49 -2.26 -2.65
C THR A 270 6.81 -3.45 -3.55
N LEU A 271 7.37 -3.16 -4.72
CA LEU A 271 7.79 -4.20 -5.65
C LEU A 271 8.88 -5.06 -5.03
N TRP A 272 9.73 -4.41 -4.25
CA TRP A 272 10.79 -5.11 -3.53
C TRP A 272 10.19 -6.06 -2.50
N GLU A 273 9.18 -5.60 -1.76
CA GLU A 273 8.46 -6.44 -0.81
C GLU A 273 7.91 -7.71 -1.44
N VAL A 274 7.20 -7.52 -2.55
CA VAL A 274 6.57 -8.63 -3.26
C VAL A 274 7.60 -9.69 -3.65
N LEU A 275 8.72 -9.23 -4.19
CA LEU A 275 9.79 -10.14 -4.62
C LEU A 275 10.52 -10.77 -3.44
N MET A 276 10.44 -10.13 -2.27
CA MET A 276 10.96 -10.68 -1.04
C MET A 276 9.92 -11.59 -0.40
N LEU A 277 8.73 -11.60 -0.99
CA LEU A 277 7.57 -12.28 -0.43
C LEU A 277 7.31 -11.82 1.01
N CYS A 278 7.57 -10.53 1.25
CA CYS A 278 7.30 -9.89 2.53
C CYS A 278 7.99 -10.58 3.71
N ARG A 279 9.18 -11.13 3.45
CA ARG A 279 9.96 -11.81 4.48
C ARG A 279 10.81 -10.83 5.28
N ALA A 280 10.92 -9.59 4.81
CA ALA A 280 11.75 -8.62 5.51
C ALA A 280 11.26 -7.19 5.32
N GLN A 281 11.38 -6.41 6.39
CA GLN A 281 11.12 -4.99 6.35
C GLN A 281 12.22 -4.29 5.56
N PRO A 282 11.85 -3.33 4.70
CA PRO A 282 12.81 -2.51 3.97
C PRO A 282 13.83 -1.86 4.91
N PHE A 283 15.12 -2.01 4.60
CA PHE A 283 16.21 -1.54 5.47
C PHE A 283 16.03 -2.06 6.89
N GLY A 284 15.58 -3.30 7.01
CA GLY A 284 15.21 -3.87 8.30
C GLY A 284 16.28 -3.90 9.36
N GLN A 285 17.54 -3.95 8.93
CA GLN A 285 18.65 -4.00 9.87
C GLN A 285 19.12 -2.60 10.30
N LEU A 286 18.57 -1.58 9.65
CA LEU A 286 18.89 -0.19 9.97
C LEU A 286 17.83 0.44 10.88
N THR A 287 18.26 1.35 11.74
CA THR A 287 17.33 2.08 12.59
C THR A 287 16.60 3.14 11.77
N ASP A 288 15.56 3.72 12.37
CA ASP A 288 14.81 4.80 11.73
C ASP A 288 15.72 5.98 11.43
N GLU A 289 16.56 6.35 12.39
CA GLU A 289 17.46 7.49 12.23
C GLU A 289 18.50 7.25 11.16
N GLN A 290 18.89 5.99 10.97
CA GLN A 290 19.84 5.62 9.92
C GLN A 290 19.16 5.72 8.55
N VAL A 291 17.89 5.34 8.49
CA VAL A 291 17.11 5.48 7.27
C VAL A 291 16.94 6.96 6.92
N ILE A 292 16.67 7.78 7.92
CA ILE A 292 16.56 9.22 7.73
C ILE A 292 17.89 9.81 7.25
N GLU A 293 18.99 9.37 7.88
CA GLU A 293 20.32 9.82 7.48
C GLU A 293 20.65 9.37 6.05
N ASN A 294 20.14 8.20 5.67
CA ASN A 294 20.36 7.69 4.32
C ASN A 294 19.72 8.60 3.28
N ALA A 295 18.57 9.18 3.63
CA ALA A 295 17.89 10.13 2.74
C ALA A 295 18.75 11.36 2.53
N GLY A 296 19.51 11.71 3.56
CA GLY A 296 20.44 12.83 3.48
C GLY A 296 21.57 12.55 2.53
N GLU A 297 21.95 11.28 2.42
CA GLU A 297 23.04 10.89 1.53
C GLU A 297 22.59 10.96 0.07
N PHE A 298 21.31 10.70 -0.17
CA PHE A 298 20.72 10.89 -1.48
C PHE A 298 20.80 12.36 -1.91
N PHE A 299 20.48 13.24 -0.99
CA PHE A 299 20.47 14.65 -1.26
C PHE A 299 21.84 15.12 -1.58
N ARG A 300 22.78 14.75 -0.72
CA ARG A 300 24.19 15.04 -0.87
C ARG A 300 24.78 14.45 -2.12
N ASP A 301 24.36 13.26 -2.48
CA ASP A 301 24.78 12.63 -3.71
C ASP A 301 26.27 12.50 -3.88
N GLN A 302 26.93 12.01 -2.87
CA GLN A 302 28.35 11.85 -2.92
C GLN A 302 28.64 10.39 -2.99
N GLY A 303 27.65 9.63 -3.40
CA GLY A 303 27.77 8.20 -3.62
C GLY A 303 27.86 7.38 -2.34
N ARG A 304 27.22 7.86 -1.28
CA ARG A 304 27.25 7.16 0.00
C ARG A 304 25.88 6.59 0.38
N GLN A 305 24.87 6.91 -0.42
CA GLN A 305 23.52 6.42 -0.16
C GLN A 305 23.44 4.91 -0.40
N VAL A 306 22.54 4.24 0.31
CA VAL A 306 22.39 2.80 0.16
C VAL A 306 21.00 2.45 -0.36
N TYR A 307 20.92 1.34 -1.09
CA TYR A 307 19.67 0.89 -1.68
C TYR A 307 19.23 -0.44 -1.09
N LEU A 308 17.95 -0.76 -1.26
CA LEU A 308 17.46 -2.10 -0.97
C LEU A 308 18.15 -3.08 -1.92
N SER A 309 18.60 -4.21 -1.38
CA SER A 309 19.33 -5.20 -2.18
C SER A 309 18.39 -6.01 -3.07
N ARG A 310 18.95 -6.59 -4.13
CA ARG A 310 18.16 -7.42 -5.03
C ARG A 310 17.66 -8.68 -4.32
N PRO A 311 16.32 -8.86 -4.29
CA PRO A 311 15.74 -10.07 -3.70
C PRO A 311 16.18 -11.32 -4.44
N PRO A 312 16.32 -12.45 -3.72
CA PRO A 312 16.71 -13.74 -4.29
C PRO A 312 15.84 -14.17 -5.48
N ALA A 313 14.56 -13.82 -5.43
CA ALA A 313 13.63 -14.21 -6.48
C ALA A 313 13.63 -13.24 -7.65
N CYS A 314 14.39 -12.17 -7.51
CA CYS A 314 14.37 -11.10 -8.50
C CYS A 314 15.52 -11.16 -9.50
N PRO A 315 15.20 -11.16 -10.77
CA PRO A 315 16.20 -11.11 -11.83
C PRO A 315 16.75 -9.72 -11.97
N GLN A 316 17.95 -9.62 -12.46
CA GLN A 316 18.65 -8.38 -12.57
C GLN A 316 17.90 -7.31 -13.34
N GLY A 317 17.20 -7.70 -14.39
CA GLY A 317 16.50 -6.76 -15.22
C GLY A 317 15.34 -6.11 -14.52
N LEU A 318 14.66 -6.87 -13.71
CA LEU A 318 13.60 -6.35 -12.90
C LEU A 318 14.15 -5.48 -11.79
N TYR A 319 15.29 -5.83 -11.25
CA TYR A 319 15.91 -5.05 -10.22
C TYR A 319 16.34 -3.68 -10.73
N GLU A 320 16.83 -3.61 -11.95
CA GLU A 320 17.24 -2.35 -12.50
C GLU A 320 16.03 -1.48 -12.64
N LEU A 321 14.86 -2.09 -12.77
CA LEU A 321 13.63 -1.33 -12.81
C LEU A 321 13.34 -0.72 -11.45
N MET A 322 13.51 -1.51 -10.39
CA MET A 322 13.43 -1.00 -9.03
C MET A 322 14.33 0.19 -8.81
N LEU A 323 15.54 0.12 -9.31
CA LEU A 323 16.49 1.19 -9.18
C LEU A 323 16.08 2.46 -9.87
N ARG A 324 15.41 2.37 -11.00
CA ARG A 324 14.93 3.55 -11.66
C ARG A 324 13.86 4.23 -10.84
N CYS A 325 13.10 3.47 -10.07
CA CYS A 325 12.10 4.04 -9.18
C CYS A 325 12.74 4.84 -8.06
N TRP A 326 14.01 4.53 -7.78
CA TRP A 326 14.74 5.16 -6.70
C TRP A 326 15.77 6.15 -7.20
N SER A 327 15.54 6.71 -8.39
CA SER A 327 16.40 7.75 -8.94
C SER A 327 16.35 9.00 -8.07
N ARG A 328 17.47 9.68 -7.94
CA ARG A 328 17.53 10.91 -7.15
C ARG A 328 16.58 11.96 -7.71
N GLU A 329 16.64 12.15 -9.02
CA GLU A 329 15.76 13.11 -9.69
C GLU A 329 14.38 12.51 -9.93
N SER A 330 13.36 13.23 -9.49
CA SER A 330 11.98 12.78 -9.61
C SER A 330 11.58 12.55 -11.08
N GLU A 331 12.11 13.38 -11.96
CA GLU A 331 11.78 13.31 -13.39
C GLU A 331 12.40 12.09 -14.06
N GLN A 332 13.31 11.42 -13.37
CA GLN A 332 13.99 10.25 -13.94
C GLN A 332 13.28 8.95 -13.56
N ARG A 333 12.40 9.03 -12.57
CA ARG A 333 11.62 7.86 -12.16
C ARG A 333 10.54 7.58 -13.19
N PRO A 334 10.36 6.29 -13.54
CA PRO A 334 9.40 5.93 -14.59
C PRO A 334 7.97 6.18 -14.15
N PRO A 335 7.11 6.63 -15.08
CA PRO A 335 5.68 6.75 -14.79
C PRO A 335 5.07 5.37 -14.62
N PHE A 336 3.90 5.30 -14.00
CA PHE A 336 3.26 4.01 -13.76
C PHE A 336 2.79 3.36 -15.07
N SER A 337 2.68 4.15 -16.13
CA SER A 337 2.36 3.59 -17.44
C SER A 337 3.49 2.70 -17.93
N GLN A 338 4.73 3.16 -17.74
CA GLN A 338 5.90 2.39 -18.12
C GLN A 338 6.11 1.18 -17.20
N LEU A 339 5.88 1.40 -15.91
CA LEU A 339 6.04 0.34 -14.93
C LEU A 339 5.07 -0.81 -15.18
N HIS A 340 3.83 -0.46 -15.50
CA HIS A 340 2.81 -1.46 -15.78
C HIS A 340 3.14 -2.25 -17.04
N ARG A 341 3.60 -1.55 -18.07
CA ARG A 341 3.95 -2.21 -19.34
C ARG A 341 5.08 -3.20 -19.15
N PHE A 342 6.06 -2.82 -18.34
CA PHE A 342 7.20 -3.70 -18.08
C PHE A 342 6.77 -4.96 -17.36
N LEU A 343 5.96 -4.79 -16.31
CA LEU A 343 5.55 -5.91 -15.48
C LEU A 343 4.52 -6.81 -16.15
N ALA A 344 3.68 -6.23 -17.01
CA ALA A 344 2.59 -6.98 -17.62
C ALA A 344 2.96 -7.55 -18.98
N GLU A 345 3.95 -6.94 -19.64
CA GLU A 345 4.31 -7.35 -21.00
C GLU A 345 5.79 -7.67 -21.17
N ASP A 346 6.66 -6.70 -20.99
CA ASP A 346 8.06 -6.92 -21.27
C ASP A 346 8.69 -8.04 -20.51
N ALA A 347 8.25 -8.26 -19.29
CA ALA A 347 8.87 -9.23 -18.39
C ALA A 347 8.33 -10.64 -18.60
N LEU A 348 7.40 -10.80 -19.52
CA LEU A 348 6.81 -12.08 -19.82
C LEU A 348 7.83 -12.99 -20.43
N ASN A 349 8.91 -12.44 -20.93
CA ASN A 349 9.94 -13.23 -21.56
C ASN A 349 11.07 -13.60 -20.61
N THR A 350 10.87 -13.26 -19.35
CA THR A 350 11.89 -13.33 -18.36
C THR A 350 11.65 -14.49 -17.41
N VAL A 351 10.62 -15.27 -17.71
CA VAL A 351 10.12 -16.20 -16.73
C VAL A 351 11.01 -17.40 -16.42
N1 VX6 B . -8.96 -15.62 6.80
C2 VX6 B . -9.96 -15.04 5.89
C3 VX6 B . -9.50 -13.68 5.46
N4 VX6 B . -9.43 -12.85 6.66
C5 VX6 B . -8.34 -13.36 7.52
C6 VX6 B . -8.66 -14.76 7.96
C7 VX6 B . -9.49 -16.86 7.34
C8 VX6 B . -9.34 -11.47 6.40
C9 VX6 B . -9.96 -10.87 5.33
C10 VX6 B . -9.88 -9.51 5.16
N11 VX6 B . -9.18 -8.79 6.03
C12 VX6 B . -8.59 -9.37 7.06
N13 VX6 B . -8.69 -10.67 7.24
N14 VX6 B . -10.49 -8.99 4.09
C15 VX6 B . -10.74 -7.69 3.92
C17 VX6 B . -10.44 -6.55 4.61
C18 VX6 B . -11.02 -5.59 3.84
N19 VX6 B . -11.61 -6.10 2.79
N20 VX6 B . -11.44 -7.45 2.84
C21 VX6 B . -10.88 -4.19 4.36
S23 VX6 B . -7.70 -8.55 8.23
C24 VX6 B . -7.57 -7.03 7.56
C25 VX6 B . -8.19 -5.92 8.07
C26 VX6 B . -8.03 -4.69 7.45
C27 VX6 B . -7.24 -4.61 6.33
C28 VX6 B . -6.64 -5.73 5.85
C29 VX6 B . -6.79 -6.93 6.45
N30 VX6 B . -7.01 -3.47 5.65
C31 VX6 B . -7.05 -2.27 6.17
O32 VX6 B . -7.31 -2.09 7.32
C33 VX6 B . -6.81 -1.10 5.26
C34 VX6 B . -5.79 -0.15 5.84
C35 VX6 B . -5.39 -1.15 4.79
#